data_2NRR
#
_entry.id   2NRR
#
_cell.length_a   38.048
_cell.length_b   46.516
_cell.length_c   84.501
_cell.angle_alpha   90.000
_cell.angle_beta   90.000
_cell.angle_gamma   90.000
#
_symmetry.space_group_name_H-M   'P 21 21 21'
#
loop_
_entity.id
_entity.type
_entity.pdbx_description
1 polymer 'UvrABC system protein C'
2 water water
#
_entity_poly.entity_id   1
_entity_poly.type   'polypeptide(L)'
_entity_poly.pdbx_seq_one_letter_code
;MEALEELMKLLNMKDFPYRIEGIDISHLQGKYTVASLVVFEDGFPKKGDYRRYKIEQDHPDDYESIRTVVKRRYSKHPLP
NLLFVDGGIGQVNAAIEALKEIGKDCPVVGLAKKEETVVFENREIHLPHDHPVLRLLVQIRDETHRFAVSYHRKRREKE
;
_entity_poly.pdbx_strand_id   A
#
# COMPACT_ATOMS: atom_id res chain seq x y z
N MET A 1 2.43 6.74 22.55
CA MET A 1 1.88 7.27 21.26
C MET A 1 1.42 6.12 20.42
N GLU A 2 0.53 6.41 19.48
CA GLU A 2 -0.01 5.41 18.55
C GLU A 2 0.82 5.33 17.28
N ALA A 3 0.99 4.09 16.82
CA ALA A 3 1.72 3.84 15.60
C ALA A 3 1.20 4.60 14.39
N LEU A 4 -0.10 4.78 14.26
CA LEU A 4 -0.61 5.58 13.12
C LEU A 4 -0.14 7.01 13.13
N GLU A 5 -0.13 7.64 14.30
CA GLU A 5 0.37 8.99 14.39
C GLU A 5 1.88 9.02 14.09
N GLU A 6 2.61 8.02 14.57
CA GLU A 6 4.04 7.94 14.32
C GLU A 6 4.30 7.75 12.81
N LEU A 7 3.48 6.97 12.14
CA LEU A 7 3.59 6.76 10.69
C LEU A 7 3.36 8.05 9.95
N MET A 8 2.32 8.79 10.35
CA MET A 8 2.06 10.09 9.76
C MET A 8 3.26 11.02 9.85
N LYS A 9 3.90 11.03 11.01
CA LYS A 9 5.03 11.90 11.22
C LYS A 9 6.24 11.44 10.42
N LEU A 10 6.49 10.14 10.39
CA LEU A 10 7.66 9.64 9.64
C LEU A 10 7.57 9.97 8.17
N LEU A 11 6.40 9.83 7.58
CA LEU A 11 6.17 10.04 6.16
C LEU A 11 5.82 11.48 5.83
N ASN A 12 5.78 12.34 6.86
CA ASN A 12 5.42 13.76 6.70
C ASN A 12 4.10 13.91 5.97
N MET A 13 3.12 13.10 6.36
CA MET A 13 1.82 13.11 5.72
C MET A 13 1.05 14.34 6.12
N LYS A 14 0.27 14.84 5.19
CA LYS A 14 -0.65 15.95 5.45
C LYS A 14 -1.85 15.45 6.21
N ASP A 15 -2.27 14.21 5.96
CA ASP A 15 -3.44 13.66 6.57
C ASP A 15 -3.07 12.47 7.46
N PHE A 16 -3.88 12.23 8.47
CA PHE A 16 -3.71 11.08 9.32
C PHE A 16 -4.03 9.83 8.51
N PRO A 17 -3.26 8.75 8.69
CA PRO A 17 -3.51 7.52 7.90
C PRO A 17 -4.67 6.66 8.43
N TYR A 18 -5.86 7.23 8.37
CA TYR A 18 -7.04 6.58 8.85
C TYR A 18 -7.40 5.37 7.99
N ARG A 19 -7.36 5.53 6.68
CA ARG A 19 -7.60 4.43 5.75
C ARG A 19 -6.30 4.14 5.03
N ILE A 20 -5.83 2.90 5.22
CA ILE A 20 -4.67 2.40 4.52
C ILE A 20 -5.11 1.23 3.67
N GLU A 21 -4.73 1.24 2.40
CA GLU A 21 -4.96 0.10 1.52
C GLU A 21 -3.64 -0.52 1.19
N GLY A 22 -3.57 -1.84 1.10
CA GLY A 22 -2.37 -2.57 0.78
C GLY A 22 -2.58 -3.46 -0.43
N ILE A 23 -1.65 -3.47 -1.37
CA ILE A 23 -1.79 -4.24 -2.58
C ILE A 23 -0.60 -5.16 -2.79
N ASP A 24 -0.92 -6.39 -3.22
CA ASP A 24 0.07 -7.35 -3.64
C ASP A 24 -0.31 -7.86 -5.01
N ILE A 25 0.69 -7.99 -5.88
CA ILE A 25 0.53 -8.61 -7.19
C ILE A 25 1.14 -10.02 -7.14
N SER A 26 0.33 -11.01 -7.52
CA SER A 26 0.78 -12.42 -7.48
C SER A 26 0.43 -13.10 -8.80
N HIS A 27 1.10 -14.22 -9.09
CA HIS A 27 1.04 -14.69 -10.47
C HIS A 27 0.05 -15.79 -10.81
N LEU A 28 -0.21 -16.68 -9.88
CA LEU A 28 -1.30 -17.65 -10.01
C LEU A 28 -2.11 -17.66 -8.71
N TYR A 32 -2.99 -15.99 -15.22
CA TYR A 32 -3.66 -14.82 -14.68
C TYR A 32 -2.71 -14.14 -13.73
N THR A 33 -2.85 -12.83 -13.61
CA THR A 33 -2.23 -12.10 -12.52
C THR A 33 -3.40 -11.73 -11.60
N VAL A 34 -3.13 -11.78 -10.29
CA VAL A 34 -4.12 -11.35 -9.31
C VAL A 34 -3.51 -10.26 -8.43
N ALA A 35 -4.27 -9.19 -8.28
CA ALA A 35 -3.95 -8.14 -7.33
C ALA A 35 -4.88 -8.29 -6.14
N SER A 36 -4.32 -8.47 -4.96
CA SER A 36 -5.09 -8.63 -3.75
C SER A 36 -4.92 -7.35 -2.95
N LEU A 37 -6.04 -6.80 -2.48
CA LEU A 37 -6.08 -5.53 -1.80
C LEU A 37 -6.77 -5.69 -0.45
N VAL A 38 -6.04 -5.27 0.60
CA VAL A 38 -6.54 -5.24 1.94
C VAL A 38 -6.76 -3.79 2.37
N VAL A 39 -7.56 -3.64 3.41
CA VAL A 39 -7.97 -2.34 3.95
C VAL A 39 -7.85 -2.36 5.44
N PHE A 40 -7.17 -1.34 5.97
CA PHE A 40 -7.11 -1.06 7.39
C PHE A 40 -7.81 0.26 7.65
N GLU A 41 -8.68 0.29 8.64
CA GLU A 41 -9.39 1.51 9.04
C GLU A 41 -9.06 1.74 10.51
N ASP A 42 -8.42 2.87 10.79
CA ASP A 42 -7.97 3.22 12.13
C ASP A 42 -7.14 2.10 12.71
N GLY A 43 -6.36 1.46 11.85
CA GLY A 43 -5.39 0.46 12.25
C GLY A 43 -5.90 -0.96 12.28
N PHE A 44 -7.19 -1.16 12.00
CA PHE A 44 -7.85 -2.50 12.05
C PHE A 44 -8.24 -2.98 10.67
N PRO A 45 -7.99 -4.27 10.39
CA PRO A 45 -8.48 -4.80 9.13
C PRO A 45 -9.99 -4.71 8.94
N LYS A 46 -10.44 -4.36 7.74
CA LYS A 46 -11.86 -4.31 7.39
C LYS A 46 -12.14 -5.28 6.25
N LYS A 47 -12.38 -6.52 6.62
CA LYS A 47 -12.41 -7.60 5.65
C LYS A 47 -13.55 -7.46 4.65
N GLY A 48 -14.66 -6.82 5.05
CA GLY A 48 -15.76 -6.54 4.15
C GLY A 48 -15.34 -5.68 2.96
N ASP A 49 -14.20 -4.95 3.07
CA ASP A 49 -13.74 -4.03 2.05
C ASP A 49 -12.60 -4.63 1.23
N TYR A 50 -12.18 -5.87 1.50
CA TYR A 50 -11.08 -6.45 0.74
C TYR A 50 -11.51 -6.70 -0.71
N ARG A 51 -10.53 -6.72 -1.61
CA ARG A 51 -10.83 -6.87 -3.02
C ARG A 51 -9.75 -7.72 -3.65
N ARG A 52 -10.12 -8.51 -4.64
CA ARG A 52 -9.14 -9.10 -5.56
C ARG A 52 -9.51 -8.73 -6.95
N TYR A 53 -8.51 -8.37 -7.75
CA TYR A 53 -8.68 -8.04 -9.15
C TYR A 53 -7.94 -9.06 -9.97
N LYS A 54 -8.63 -9.64 -10.95
CA LYS A 54 -8.00 -10.54 -11.91
C LYS A 54 -7.64 -9.74 -13.17
N ILE A 55 -6.43 -9.98 -13.66
CA ILE A 55 -5.87 -9.21 -14.75
C ILE A 55 -5.38 -10.23 -15.78
N ASP A 61 4.04 -9.24 -15.57
CA ASP A 61 4.35 -7.82 -15.76
C ASP A 61 3.75 -7.04 -14.61
N ASP A 62 4.45 -7.09 -13.49
CA ASP A 62 3.92 -6.56 -12.26
C ASP A 62 3.68 -5.06 -12.32
N TYR A 63 4.52 -4.30 -13.05
CA TYR A 63 4.28 -2.86 -13.19
C TYR A 63 2.99 -2.55 -13.95
N GLU A 64 2.73 -3.27 -15.02
CA GLU A 64 1.54 -3.05 -15.80
C GLU A 64 0.31 -3.45 -14.97
N SER A 65 0.42 -4.53 -14.22
CA SER A 65 -0.66 -4.99 -13.35
C SER A 65 -1.00 -3.95 -12.29
N ILE A 66 0.02 -3.39 -11.65
CA ILE A 66 -0.21 -2.35 -10.63
C ILE A 66 -0.87 -1.13 -11.28
N ARG A 67 -0.37 -0.72 -12.44
CA ARG A 67 -0.94 0.40 -13.10
C ARG A 67 -2.43 0.21 -13.45
N THR A 68 -2.77 -0.98 -13.95
CA THR A 68 -4.12 -1.27 -14.30
C THR A 68 -5.02 -1.25 -13.07
N VAL A 69 -4.58 -1.91 -12.01
CA VAL A 69 -5.42 -1.99 -10.80
C VAL A 69 -5.62 -0.62 -10.15
N VAL A 70 -4.54 0.15 -10.06
CA VAL A 70 -4.66 1.48 -9.49
C VAL A 70 -5.65 2.35 -10.25
N LYS A 71 -5.54 2.33 -11.58
CA LYS A 71 -6.44 3.13 -12.36
C LYS A 71 -7.88 2.60 -12.34
N ARG A 72 -8.06 1.28 -12.40
CA ARG A 72 -9.42 0.68 -12.32
C ARG A 72 -10.04 1.08 -10.98
N ARG A 73 -9.31 0.88 -9.90
CA ARG A 73 -9.88 1.07 -8.57
C ARG A 73 -10.19 2.54 -8.31
N TYR A 74 -9.22 3.42 -8.52
CA TYR A 74 -9.38 4.79 -8.07
C TYR A 74 -10.20 5.65 -9.05
N SER A 75 -10.54 5.09 -10.19
CA SER A 75 -11.57 5.69 -11.05
C SER A 75 -12.99 5.36 -10.55
N LYS A 76 -13.11 4.43 -9.60
CA LYS A 76 -14.41 4.06 -9.03
C LYS A 76 -14.56 4.33 -7.54
N HIS A 77 -13.45 4.47 -6.81
CA HIS A 77 -13.45 4.55 -5.36
C HIS A 77 -12.54 5.65 -4.92
N PRO A 78 -12.82 6.22 -3.73
CA PRO A 78 -11.93 7.23 -3.17
C PRO A 78 -10.53 6.72 -2.88
N LEU A 79 -9.57 7.59 -2.97
CA LEU A 79 -8.23 7.27 -2.54
C LEU A 79 -8.22 7.01 -1.04
N PRO A 80 -7.34 6.12 -0.59
CA PRO A 80 -7.07 5.99 0.83
C PRO A 80 -6.21 7.14 1.28
N ASN A 81 -5.93 7.23 2.56
CA ASN A 81 -4.95 8.19 3.02
C ASN A 81 -3.51 7.75 2.71
N LEU A 82 -3.32 6.45 2.55
CA LEU A 82 -1.97 5.89 2.27
C LEU A 82 -2.16 4.60 1.53
N LEU A 83 -1.35 4.38 0.50
CA LEU A 83 -1.30 3.14 -0.23
C LEU A 83 0.02 2.46 0.09
N PHE A 84 -0.08 1.21 0.55
CA PHE A 84 1.05 0.34 0.75
C PHE A 84 1.12 -0.63 -0.41
N VAL A 85 2.30 -0.78 -0.98
CA VAL A 85 2.52 -1.72 -2.07
C VAL A 85 3.53 -2.73 -1.61
N ASP A 86 3.19 -4.01 -1.72
CA ASP A 86 4.05 -5.09 -1.23
C ASP A 86 5.12 -5.33 -2.23
N GLY A 87 6.08 -4.42 -2.20
CA GLY A 87 7.17 -4.47 -3.11
C GLY A 87 8.09 -3.32 -2.86
N GLY A 88 9.16 -3.32 -3.58
CA GLY A 88 10.11 -2.28 -3.47
C GLY A 88 9.89 -1.14 -4.40
N ILE A 89 10.98 -0.45 -4.72
CA ILE A 89 10.88 0.84 -5.31
C ILE A 89 10.23 0.76 -6.66
N GLY A 90 10.50 -0.30 -7.44
CA GLY A 90 9.89 -0.40 -8.77
C GLY A 90 8.38 -0.43 -8.71
N GLN A 91 7.83 -1.24 -7.82
CA GLN A 91 6.39 -1.31 -7.70
C GLN A 91 5.78 -0.06 -7.08
N VAL A 92 6.43 0.47 -6.06
CA VAL A 92 5.97 1.72 -5.46
C VAL A 92 5.93 2.81 -6.51
N ASN A 93 6.99 2.94 -7.31
CA ASN A 93 7.01 3.97 -8.32
C ASN A 93 6.02 3.73 -9.43
N ALA A 94 5.71 2.47 -9.74
CA ALA A 94 4.68 2.19 -10.73
C ALA A 94 3.32 2.69 -10.24
N ALA A 95 3.04 2.50 -8.97
CA ALA A 95 1.79 2.97 -8.41
C ALA A 95 1.74 4.47 -8.39
N ILE A 96 2.83 5.12 -7.99
CA ILE A 96 2.88 6.58 -8.00
C ILE A 96 2.64 7.14 -9.40
N GLU A 97 3.30 6.56 -10.40
CA GLU A 97 3.13 7.01 -11.77
C GLU A 97 1.70 6.83 -12.22
N ALA A 98 1.09 5.69 -11.91
CA ALA A 98 -0.28 5.43 -12.28
C ALA A 98 -1.24 6.49 -11.69
N LEU A 99 -1.06 6.80 -10.41
CA LEU A 99 -1.86 7.84 -9.76
C LEU A 99 -1.65 9.19 -10.42
N LYS A 100 -0.41 9.56 -10.69
CA LYS A 100 -0.14 10.83 -11.36
C LYS A 100 -0.76 10.89 -12.70
N GLU A 101 -0.73 9.78 -13.42
CA GLU A 101 -1.30 9.72 -14.77
C GLU A 101 -2.76 9.97 -14.79
N ILE A 102 -3.50 9.71 -13.71
CA ILE A 102 -4.92 10.04 -13.65
C ILE A 102 -5.22 11.24 -12.76
N GLY A 103 -4.19 12.00 -12.43
CA GLY A 103 -4.33 13.27 -11.75
C GLY A 103 -4.69 13.14 -10.30
N LYS A 104 -4.27 12.04 -9.68
CA LYS A 104 -4.56 11.82 -8.28
C LYS A 104 -3.34 11.78 -7.39
N ASP A 105 -3.55 12.24 -6.16
CA ASP A 105 -2.50 12.50 -5.19
C ASP A 105 -2.73 11.65 -3.97
N CYS A 106 -1.86 10.66 -3.73
CA CYS A 106 -1.88 9.91 -2.49
C CYS A 106 -0.50 9.38 -2.21
N PRO A 107 -0.05 9.43 -0.97
CA PRO A 107 1.27 8.88 -0.71
C PRO A 107 1.29 7.35 -0.82
N VAL A 108 2.42 6.82 -1.27
CA VAL A 108 2.63 5.42 -1.50
C VAL A 108 3.89 5.00 -0.76
N VAL A 109 3.79 3.90 -0.03
CA VAL A 109 4.94 3.39 0.71
C VAL A 109 5.09 1.90 0.45
N GLY A 110 6.33 1.42 0.52
CA GLY A 110 6.62 0.02 0.43
C GLY A 110 7.70 -0.36 1.42
N LEU A 111 8.13 -1.59 1.31
CA LEU A 111 9.33 -2.05 2.08
C LEU A 111 10.43 -2.58 1.12
N ALA A 112 11.70 -2.19 1.26
CA ALA A 112 12.73 -2.58 0.28
C ALA A 112 12.99 -4.06 0.32
N THR A 117 13.64 -1.58 5.83
CA THR A 117 13.83 -0.32 5.17
C THR A 117 12.59 0.06 4.42
N VAL A 118 12.12 1.22 4.74
CA VAL A 118 10.92 1.69 4.14
C VAL A 118 11.32 2.31 2.77
N VAL A 119 10.44 2.16 1.77
CA VAL A 119 10.61 2.77 0.46
C VAL A 119 9.57 3.86 0.41
N PHE A 120 10.05 5.09 0.24
CA PHE A 120 9.21 6.25 0.23
C PHE A 120 9.85 7.41 -0.54
N GLU A 121 9.08 8.00 -1.42
CA GLU A 121 9.55 9.18 -2.18
C GLU A 121 10.92 8.97 -2.78
N ASN A 122 11.04 7.80 -3.39
CA ASN A 122 12.21 7.50 -4.19
C ASN A 122 13.48 7.42 -3.37
N ARG A 123 13.31 7.10 -2.10
CA ARG A 123 14.38 6.97 -1.19
C ARG A 123 14.04 5.81 -0.27
N GLU A 124 15.04 5.42 0.46
CA GLU A 124 14.87 4.44 1.47
C GLU A 124 15.14 5.03 2.85
N ILE A 125 14.37 4.56 3.84
CA ILE A 125 14.51 4.97 5.26
C ILE A 125 14.71 3.69 6.07
N HIS A 126 15.92 3.48 6.56
CA HIS A 126 16.18 2.31 7.39
C HIS A 126 15.65 2.60 8.79
N LEU A 127 14.89 1.67 9.34
CA LEU A 127 14.37 1.82 10.68
C LEU A 127 14.88 0.69 11.53
N PRO A 128 15.06 0.97 12.83
CA PRO A 128 15.37 -0.08 13.77
C PRO A 128 14.29 -1.13 13.78
N HIS A 129 14.67 -2.36 14.10
CA HIS A 129 13.75 -3.47 14.00
C HIS A 129 12.46 -3.27 14.78
N ASP A 130 12.56 -2.71 15.98
CA ASP A 130 11.43 -2.56 16.87
C ASP A 130 10.75 -1.20 16.74
N HIS A 131 11.16 -0.40 15.76
CA HIS A 131 10.49 0.87 15.59
C HIS A 131 9.00 0.61 15.34
N PRO A 132 8.13 1.34 16.04
CA PRO A 132 6.72 1.06 15.93
C PRO A 132 6.16 1.24 14.51
N VAL A 133 6.74 2.14 13.73
CA VAL A 133 6.27 2.32 12.37
C VAL A 133 6.67 1.15 11.49
N LEU A 134 7.90 0.67 11.65
CA LEU A 134 8.28 -0.54 10.94
C LEU A 134 7.39 -1.71 11.32
N ARG A 135 7.09 -1.86 12.59
CA ARG A 135 6.23 -2.97 13.01
C ARG A 135 4.85 -2.87 12.39
N LEU A 136 4.29 -1.68 12.30
CA LEU A 136 2.99 -1.49 11.67
C LEU A 136 3.06 -1.82 10.16
N LEU A 137 4.07 -1.31 9.46
CA LEU A 137 4.19 -1.60 8.05
C LEU A 137 4.34 -3.10 7.80
N VAL A 138 5.11 -3.81 8.65
CA VAL A 138 5.23 -5.26 8.54
C VAL A 138 3.90 -5.94 8.76
N GLN A 139 3.13 -5.46 9.71
CA GLN A 139 1.80 -6.01 9.94
C GLN A 139 0.91 -5.84 8.69
N ILE A 140 0.96 -4.68 8.07
CA ILE A 140 0.19 -4.46 6.86
C ILE A 140 0.67 -5.37 5.74
N ARG A 141 1.98 -5.44 5.55
CA ARG A 141 2.50 -6.36 4.56
C ARG A 141 2.04 -7.79 4.80
N ASP A 142 2.12 -8.23 6.04
CA ASP A 142 1.75 -9.61 6.34
C ASP A 142 0.28 -9.92 6.12
N GLU A 143 -0.58 -8.96 6.36
CA GLU A 143 -1.98 -9.16 6.10
C GLU A 143 -2.20 -9.19 4.59
N THR A 144 -1.51 -8.31 3.86
CA THR A 144 -1.60 -8.25 2.41
C THR A 144 -1.22 -9.63 1.86
N HIS A 145 -0.13 -10.20 2.40
CA HIS A 145 0.39 -11.48 1.90
C HIS A 145 -0.55 -12.64 2.28
N ARG A 146 -1.04 -12.65 3.51
CA ARG A 146 -2.04 -13.64 3.98
C ARG A 146 -3.26 -13.72 3.06
N PHE A 147 -3.75 -12.54 2.67
CA PHE A 147 -4.89 -12.49 1.79
C PHE A 147 -4.54 -12.95 0.38
N ALA A 148 -3.38 -12.55 -0.13
CA ALA A 148 -2.97 -12.95 -1.45
C ALA A 148 -2.81 -14.46 -1.57
N VAL A 149 -2.14 -15.08 -0.58
CA VAL A 149 -1.68 -16.49 -0.65
C VAL A 149 -2.88 -17.40 -0.50
N SER A 150 -3.98 -16.85 0.00
CA SER A 150 -5.21 -17.58 0.24
C SER A 150 -6.03 -17.77 -1.02
N TYR A 151 -5.63 -17.19 -2.16
CA TYR A 151 -6.52 -17.28 -3.34
C TYR A 151 -6.32 -18.60 -4.09
#